data_6VCI
#
_entry.id   6VCI
#
_cell.length_a   87.560
_cell.length_b   87.560
_cell.length_c   116.990
_cell.angle_alpha   90.000
_cell.angle_beta   90.000
_cell.angle_gamma   120.000
#
_symmetry.space_group_name_H-M   'P 65'
#
loop_
_entity.id
_entity.type
_entity.pdbx_description
1 polymer 'Lipophilic envelope-spanning tunnel protein LetB'
2 water water
#
_entity_poly.entity_id   1
_entity_poly.type   'polypeptide(L)'
_entity_poly.pdbx_seq_one_letter_code
;MGDLMIHLQAPDLGSLNSGSLVYFRKIPVGKVYDYAINPNKQGVVIDVLIERRFTDLVKKGSRFWNVSGVDANVSISGAK
VKLESLAALVNGAIAFDSPEESKPAEAEDTFGLYEDLAHSQRGVIIKLELPSGAGLTADSTPLMYQGLEVGQLTKLDLNP
GGKVTGEMTVDPSVVTLLRENTRIELRNPKLSLSDANLSALLTGKTFELVPGDGEPRKEFVVVPGEGETHHHHHH
;
_entity_poly.pdbx_strand_id   C,A
#
# COMPACT_ATOMS: atom_id res chain seq x y z
N GLY A 2 -4.23 25.36 -16.45
CA GLY A 2 -3.13 25.27 -17.39
C GLY A 2 -2.21 24.11 -17.11
N ASP A 3 -0.91 24.33 -17.28
CA ASP A 3 0.08 23.29 -17.02
C ASP A 3 0.08 22.92 -15.55
N LEU A 4 0.40 21.65 -15.27
CA LEU A 4 0.34 21.09 -13.92
C LEU A 4 1.75 20.90 -13.38
N MET A 5 2.03 21.50 -12.24
CA MET A 5 3.32 21.39 -11.56
C MET A 5 3.17 20.44 -10.38
N ILE A 6 3.98 19.38 -10.37
CA ILE A 6 4.00 18.43 -9.27
C ILE A 6 5.45 18.28 -8.80
N HIS A 7 5.62 17.51 -7.73
CA HIS A 7 6.91 17.36 -7.08
C HIS A 7 7.19 15.88 -6.81
N LEU A 8 8.38 15.43 -7.18
CA LEU A 8 8.81 14.06 -6.98
C LEU A 8 9.95 14.02 -5.97
N GLN A 9 9.89 13.08 -5.04
CA GLN A 9 10.95 12.87 -4.06
C GLN A 9 11.71 11.61 -4.45
N ALA A 10 12.91 11.79 -4.99
CA ALA A 10 13.77 10.70 -5.42
C ALA A 10 15.00 10.60 -4.53
N PRO A 11 15.40 9.39 -4.15
CA PRO A 11 16.58 9.25 -3.28
C PRO A 11 17.88 9.70 -3.93
N ASP A 12 17.94 9.73 -5.26
CA ASP A 12 19.10 10.29 -5.95
C ASP A 12 18.67 10.72 -7.35
N LEU A 13 19.36 11.74 -7.87
CA LEU A 13 18.95 12.35 -9.13
C LEU A 13 19.17 11.42 -10.31
N GLY A 14 20.27 10.68 -10.31
CA GLY A 14 20.56 9.81 -11.44
C GLY A 14 20.90 10.62 -12.68
N SER A 15 20.45 10.12 -13.83
CA SER A 15 20.70 10.76 -15.11
C SER A 15 19.67 11.85 -15.44
N LEU A 16 18.77 12.16 -14.51
CA LEU A 16 17.78 13.19 -14.77
C LEU A 16 18.39 14.58 -14.59
N ASN A 17 17.78 15.54 -15.28
CA ASN A 17 18.17 16.94 -15.19
C ASN A 17 17.05 17.77 -15.78
N SER A 18 17.10 19.07 -15.54
CA SER A 18 16.10 19.98 -16.10
C SER A 18 16.08 19.83 -17.62
N GLY A 19 14.92 19.48 -18.16
CA GLY A 19 14.76 19.17 -19.56
C GLY A 19 14.43 17.71 -19.82
N SER A 20 14.68 16.83 -18.86
CA SER A 20 14.28 15.43 -18.99
C SER A 20 12.76 15.33 -19.13
N LEU A 21 12.33 14.44 -20.02
CA LEU A 21 10.92 14.35 -20.38
C LEU A 21 10.19 13.34 -19.50
N VAL A 22 8.88 13.55 -19.38
CA VAL A 22 8.00 12.65 -18.64
C VAL A 22 7.05 12.00 -19.64
N TYR A 23 7.05 10.68 -19.67
CA TYR A 23 6.34 9.92 -20.69
C TYR A 23 5.10 9.24 -20.13
N PHE A 24 4.07 9.15 -20.96
CA PHE A 24 2.91 8.30 -20.72
C PHE A 24 2.68 7.51 -22.01
N ARG A 25 3.03 6.22 -21.99
CA ARG A 25 2.93 5.35 -23.16
C ARG A 25 3.64 5.96 -24.36
N LYS A 26 4.98 6.04 -24.22
CA LYS A 26 5.87 6.52 -25.27
C LYS A 26 5.68 8.01 -25.56
N ILE A 27 4.48 8.54 -25.36
CA ILE A 27 4.19 9.93 -25.68
C ILE A 27 4.67 10.85 -24.56
N PRO A 28 5.58 11.78 -24.84
CA PRO A 28 6.05 12.71 -23.79
C PRO A 28 4.99 13.75 -23.46
N VAL A 29 4.63 13.82 -22.18
CA VAL A 29 3.58 14.72 -21.73
C VAL A 29 4.09 15.81 -20.80
N GLY A 30 5.29 15.67 -20.25
CA GLY A 30 5.80 16.63 -19.29
C GLY A 30 7.30 16.77 -19.40
N LYS A 31 7.85 17.59 -18.50
CA LYS A 31 9.27 17.92 -18.50
C LYS A 31 9.71 18.20 -17.08
N VAL A 32 10.89 17.71 -16.72
CA VAL A 32 11.53 18.08 -15.46
C VAL A 32 11.84 19.58 -15.54
N TYR A 33 11.16 20.37 -14.72
CA TYR A 33 11.36 21.82 -14.76
C TYR A 33 12.60 22.23 -13.98
N ASP A 34 12.72 21.76 -12.74
CA ASP A 34 13.83 22.13 -11.87
C ASP A 34 13.90 21.12 -10.74
N TYR A 35 14.96 21.23 -9.94
CA TYR A 35 15.10 20.38 -8.76
C TYR A 35 16.00 21.08 -7.76
N ALA A 36 15.95 20.62 -6.52
CA ALA A 36 16.75 21.20 -5.45
C ALA A 36 16.93 20.15 -4.35
N ILE A 37 18.12 20.13 -3.75
CA ILE A 37 18.42 19.18 -2.68
C ILE A 37 17.60 19.55 -1.45
N ASN A 38 16.95 18.55 -0.85
CA ASN A 38 16.23 18.77 0.40
C ASN A 38 17.18 18.49 1.57
N PRO A 39 17.36 19.42 2.51
CA PRO A 39 18.31 19.18 3.60
C PRO A 39 17.73 18.23 4.66
N ASN A 40 16.61 17.60 4.34
CA ASN A 40 15.90 16.72 5.26
C ASN A 40 16.24 15.24 5.07
N LYS A 41 16.23 14.75 3.84
CA LYS A 41 16.40 13.34 3.55
C LYS A 41 17.60 13.14 2.63
N GLN A 42 17.73 11.90 2.15
CA GLN A 42 18.88 11.55 1.32
C GLN A 42 18.81 12.20 -0.05
N GLY A 43 17.61 12.27 -0.64
CA GLY A 43 17.51 12.57 -2.05
C GLY A 43 17.35 14.01 -2.46
N VAL A 44 16.30 14.28 -3.25
CA VAL A 44 16.14 15.57 -3.91
C VAL A 44 14.68 15.68 -4.34
N VAL A 45 14.13 16.88 -4.25
CA VAL A 45 12.79 17.16 -4.74
C VAL A 45 12.88 17.64 -6.18
N ILE A 46 12.07 17.06 -7.06
CA ILE A 46 12.13 17.33 -8.49
C ILE A 46 10.81 17.98 -8.91
N ASP A 47 10.90 19.11 -9.60
CA ASP A 47 9.72 19.82 -10.09
C ASP A 47 9.40 19.33 -11.50
N VAL A 48 8.27 18.66 -11.64
CA VAL A 48 7.80 18.13 -12.91
C VAL A 48 6.63 18.99 -13.40
N LEU A 49 6.71 19.44 -14.65
CA LEU A 49 5.69 20.28 -15.27
C LEU A 49 4.97 19.48 -16.35
N ILE A 50 3.74 19.09 -16.06
CA ILE A 50 2.90 18.37 -17.03
C ILE A 50 2.16 19.39 -17.89
N GLU A 51 2.17 19.17 -19.19
CA GLU A 51 1.53 20.10 -20.11
C GLU A 51 0.02 20.08 -19.95
N ARG A 52 -0.61 21.16 -20.41
CA ARG A 52 -2.03 21.39 -20.13
C ARG A 52 -2.91 20.31 -20.74
N ARG A 53 -2.57 19.84 -21.94
CA ARG A 53 -3.37 18.80 -22.59
C ARG A 53 -3.49 17.55 -21.73
N PHE A 54 -2.37 17.11 -21.15
CA PHE A 54 -2.30 15.81 -20.48
C PHE A 54 -2.37 15.92 -18.96
N THR A 55 -2.90 17.03 -18.44
CA THR A 55 -3.04 17.16 -16.99
C THR A 55 -3.92 16.05 -16.42
N ASP A 56 -4.94 15.64 -17.17
CA ASP A 56 -5.91 14.68 -16.66
C ASP A 56 -5.32 13.30 -16.42
N LEU A 57 -4.23 12.96 -17.10
CA LEU A 57 -3.64 11.63 -16.94
C LEU A 57 -3.03 11.44 -15.56
N VAL A 58 -2.50 12.50 -14.95
CA VAL A 58 -1.88 12.39 -13.64
C VAL A 58 -2.97 12.33 -12.57
N LYS A 59 -2.98 11.27 -11.80
CA LYS A 59 -3.98 11.04 -10.75
C LYS A 59 -3.32 11.11 -9.38
N LYS A 60 -4.17 11.21 -8.35
CA LYS A 60 -3.67 11.18 -6.97
C LYS A 60 -3.00 9.85 -6.66
N GLY A 61 -3.45 8.78 -7.31
CA GLY A 61 -2.86 7.46 -7.15
C GLY A 61 -1.81 7.09 -8.18
N SER A 62 -1.37 8.03 -9.01
CA SER A 62 -0.33 7.75 -9.99
C SER A 62 1.01 7.54 -9.29
N ARG A 63 1.82 6.66 -9.86
CA ARG A 63 3.18 6.45 -9.41
C ARG A 63 4.16 6.73 -10.55
N PHE A 64 5.35 7.18 -10.19
CA PHE A 64 6.38 7.58 -11.15
C PHE A 64 7.63 6.73 -10.93
N TRP A 65 8.30 6.39 -12.03
CA TRP A 65 9.50 5.57 -11.97
C TRP A 65 10.45 5.96 -13.08
N ASN A 66 11.75 5.80 -12.82
CA ASN A 66 12.76 6.07 -13.83
C ASN A 66 12.65 5.09 -14.99
N VAL A 67 12.84 5.61 -16.20
CA VAL A 67 12.98 4.79 -17.40
C VAL A 67 14.14 5.36 -18.21
N SER A 68 14.67 4.53 -19.11
CA SER A 68 15.76 4.92 -19.98
C SER A 68 15.30 4.95 -21.42
N GLY A 69 15.94 5.80 -22.22
CA GLY A 69 15.59 5.94 -23.61
C GLY A 69 16.82 6.05 -24.49
N VAL A 70 16.66 5.65 -25.75
CA VAL A 70 17.68 5.78 -26.78
C VAL A 70 17.03 6.47 -27.98
N ASP A 71 17.46 7.68 -28.26
CA ASP A 71 16.79 8.50 -29.26
C ASP A 71 17.31 8.27 -30.67
N ALA A 72 18.63 8.23 -30.85
CA ALA A 72 19.21 8.05 -32.17
C ALA A 72 18.99 6.63 -32.69
N GLU A 84 30.97 11.45 -23.65
CA GLU A 84 31.08 11.28 -25.09
C GLU A 84 29.71 10.99 -25.71
N SER A 85 29.63 11.09 -27.04
CA SER A 85 28.36 10.86 -27.71
C SER A 85 27.89 9.41 -27.57
N LEU A 86 28.84 8.47 -27.45
CA LEU A 86 28.47 7.07 -27.31
C LEU A 86 27.71 6.83 -26.01
N ALA A 87 28.20 7.38 -24.90
CA ALA A 87 27.50 7.21 -23.63
C ALA A 87 26.27 8.10 -23.54
N ALA A 88 26.25 9.22 -24.27
CA ALA A 88 25.14 10.15 -24.24
C ALA A 88 23.93 9.68 -25.04
N LEU A 89 24.03 8.55 -25.73
CA LEU A 89 22.88 8.01 -26.46
C LEU A 89 21.77 7.54 -25.52
N VAL A 90 22.09 7.26 -24.26
CA VAL A 90 21.13 6.83 -23.26
C VAL A 90 20.94 7.97 -22.27
N ASN A 91 19.70 8.42 -22.10
CA ASN A 91 19.38 9.48 -21.15
C ASN A 91 18.20 9.06 -20.31
N GLY A 92 18.13 9.61 -19.09
CA GLY A 92 17.07 9.25 -18.18
C GLY A 92 15.78 9.99 -18.47
N ALA A 93 14.67 9.34 -18.13
CA ALA A 93 13.35 9.94 -18.22
C ALA A 93 12.47 9.32 -17.16
N ILE A 94 11.24 9.82 -17.07
CA ILE A 94 10.27 9.41 -16.05
C ILE A 94 8.99 8.97 -16.75
N ALA A 95 8.45 7.84 -16.31
CA ALA A 95 7.15 7.39 -16.76
C ALA A 95 6.19 7.30 -15.58
N PHE A 96 4.90 7.23 -15.87
CA PHE A 96 3.90 7.09 -14.83
C PHE A 96 2.67 6.38 -15.39
N ASP A 97 1.78 6.00 -14.49
CA ASP A 97 0.54 5.33 -14.84
C ASP A 97 -0.64 6.24 -14.51
N SER A 98 -1.80 5.91 -15.10
CA SER A 98 -3.04 6.65 -14.88
C SER A 98 -4.05 5.70 -14.27
N PRO A 99 -4.10 5.59 -12.95
CA PRO A 99 -5.09 4.72 -12.30
C PRO A 99 -6.51 5.15 -12.65
N GLU A 100 -7.36 4.16 -12.95
CA GLU A 100 -8.69 4.47 -13.46
C GLU A 100 -9.61 4.95 -12.35
N GLU A 101 -9.47 4.42 -11.15
CA GLU A 101 -10.35 4.74 -10.03
C GLU A 101 -9.73 5.73 -9.06
N SER A 102 -8.97 6.69 -9.56
CA SER A 102 -8.31 7.70 -8.74
C SER A 102 -8.74 9.09 -9.17
N LYS A 103 -8.88 9.98 -8.18
CA LYS A 103 -9.20 11.37 -8.47
C LYS A 103 -8.06 12.01 -9.27
N PRO A 104 -8.37 13.01 -10.10
CA PRO A 104 -7.29 13.69 -10.83
C PRO A 104 -6.33 14.37 -9.85
N ALA A 105 -5.05 14.33 -10.19
CA ALA A 105 -4.03 14.88 -9.31
C ALA A 105 -4.22 16.39 -9.16
N GLU A 106 -4.30 16.83 -7.92
CA GLU A 106 -4.38 18.26 -7.64
C GLU A 106 -3.05 18.95 -7.92
N ALA A 107 -3.09 20.27 -8.04
CA ALA A 107 -1.89 21.03 -8.29
C ALA A 107 -0.93 20.93 -7.10
N GLU A 108 0.37 20.91 -7.41
CA GLU A 108 1.45 20.94 -6.42
C GLU A 108 1.45 19.70 -5.52
N ASP A 109 0.87 18.59 -5.97
CA ASP A 109 0.94 17.36 -5.21
C ASP A 109 2.35 16.80 -5.20
N THR A 110 2.60 15.88 -4.27
CA THR A 110 3.93 15.30 -4.07
C THR A 110 3.87 13.79 -4.21
N PHE A 111 4.73 13.26 -5.08
CA PHE A 111 4.85 11.83 -5.30
C PHE A 111 6.29 11.40 -5.02
N GLY A 112 6.49 10.09 -4.93
CA GLY A 112 7.82 9.51 -4.80
C GLY A 112 8.25 8.92 -6.13
N LEU A 113 9.50 9.19 -6.50
CA LEU A 113 10.05 8.64 -7.74
C LEU A 113 10.61 7.25 -7.43
N TYR A 114 9.96 6.22 -7.97
CA TYR A 114 10.43 4.86 -7.75
C TYR A 114 11.65 4.57 -8.62
N GLU A 115 12.45 3.59 -8.16
CA GLU A 115 13.71 3.29 -8.82
C GLU A 115 13.50 2.80 -10.25
N ASP A 116 12.52 1.93 -10.46
CA ASP A 116 12.19 1.43 -11.78
C ASP A 116 10.76 0.93 -11.75
N LEU A 117 10.29 0.44 -12.91
CA LEU A 117 8.93 -0.07 -13.00
C LEU A 117 8.68 -1.17 -11.98
N ALA A 118 9.66 -2.05 -11.77
CA ALA A 118 9.49 -3.13 -10.81
C ALA A 118 9.31 -2.59 -9.40
N HIS A 119 10.12 -1.61 -9.02
CA HIS A 119 10.02 -1.05 -7.68
C HIS A 119 8.65 -0.42 -7.43
N SER A 120 8.03 0.13 -8.48
CA SER A 120 6.72 0.75 -8.33
C SER A 120 5.62 -0.28 -8.07
N GLN A 121 5.84 -1.53 -8.44
CA GLN A 121 4.87 -2.62 -8.29
C GLN A 121 3.59 -2.35 -9.07
N ARG A 122 3.65 -1.52 -10.12
CA ARG A 122 2.50 -1.23 -10.96
C ARG A 122 2.57 -1.94 -12.31
N GLY A 123 3.64 -2.67 -12.58
CA GLY A 123 3.78 -3.31 -13.87
C GLY A 123 2.87 -4.52 -14.02
N VAL A 124 2.66 -4.91 -15.26
CA VAL A 124 1.79 -6.03 -15.61
C VAL A 124 2.66 -7.13 -16.21
N ILE A 125 2.45 -8.36 -15.74
CA ILE A 125 3.28 -9.49 -16.15
C ILE A 125 2.74 -10.06 -17.47
N ILE A 126 3.63 -10.33 -18.40
CA ILE A 126 3.31 -10.93 -19.68
C ILE A 126 4.13 -12.20 -19.83
N LYS A 127 3.51 -13.28 -20.30
CA LYS A 127 4.18 -14.55 -20.49
C LYS A 127 4.71 -14.67 -21.91
N LEU A 128 5.92 -15.20 -22.05
CA LEU A 128 6.56 -15.34 -23.35
C LEU A 128 7.35 -16.64 -23.38
N GLU A 129 7.45 -17.22 -24.58
CA GLU A 129 8.35 -18.32 -24.84
C GLU A 129 9.38 -17.86 -25.85
N LEU A 130 10.65 -18.21 -25.61
CA LEU A 130 11.76 -17.66 -26.36
C LEU A 130 12.47 -18.76 -27.13
N PRO A 131 12.91 -18.50 -28.36
CA PRO A 131 13.64 -19.53 -29.12
C PRO A 131 14.98 -19.86 -28.50
N SER A 132 15.62 -18.91 -27.83
CA SER A 132 16.91 -19.13 -27.20
C SER A 132 17.07 -18.15 -26.05
N GLY A 133 17.75 -18.60 -25.00
CA GLY A 133 18.07 -17.77 -23.86
C GLY A 133 19.40 -17.06 -23.96
N ALA A 134 20.05 -17.12 -25.11
CA ALA A 134 21.35 -16.47 -25.27
C ALA A 134 21.20 -14.95 -25.29
N GLY A 135 22.07 -14.27 -24.55
CA GLY A 135 22.08 -12.83 -24.50
C GLY A 135 20.94 -12.20 -23.72
N LEU A 136 20.06 -13.00 -23.12
CA LEU A 136 18.93 -12.50 -22.36
C LEU A 136 19.20 -12.70 -20.88
N THR A 137 19.00 -11.65 -20.08
CA THR A 137 19.24 -11.67 -18.65
C THR A 137 18.02 -11.15 -17.94
N ALA A 138 17.57 -11.87 -16.91
CA ALA A 138 16.44 -11.42 -16.12
C ALA A 138 16.77 -10.13 -15.40
N ASP A 139 15.77 -9.24 -15.30
CA ASP A 139 15.92 -7.95 -14.63
C ASP A 139 17.00 -7.09 -15.28
N SER A 140 17.21 -7.29 -16.59
CA SER A 140 18.13 -6.44 -17.34
C SER A 140 17.62 -6.20 -18.75
N THR A 141 17.36 -7.28 -19.48
CA THR A 141 16.88 -7.17 -20.85
C THR A 141 15.55 -6.42 -20.88
N PRO A 142 15.47 -5.27 -21.53
CA PRO A 142 14.24 -4.47 -21.48
C PRO A 142 13.32 -4.72 -22.67
N LEU A 143 12.06 -4.31 -22.53
CA LEU A 143 11.13 -4.25 -23.64
C LEU A 143 11.09 -2.81 -24.14
N MET A 144 11.60 -2.59 -25.35
CA MET A 144 11.74 -1.28 -25.93
C MET A 144 10.59 -0.98 -26.88
N TYR A 145 10.23 0.31 -26.96
CA TYR A 145 9.18 0.77 -27.87
C TYR A 145 9.62 2.10 -28.46
N GLN A 146 10.12 2.06 -29.70
CA GLN A 146 10.61 3.26 -30.39
C GLN A 146 11.62 4.02 -29.55
N GLY A 147 12.56 3.30 -28.95
CA GLY A 147 13.63 3.90 -28.20
C GLY A 147 13.36 4.11 -26.72
N LEU A 148 12.14 3.86 -26.25
CA LEU A 148 11.80 4.05 -24.84
C LEU A 148 11.62 2.70 -24.15
N GLU A 149 12.17 2.57 -22.96
CA GLU A 149 11.95 1.39 -22.13
C GLU A 149 10.51 1.42 -21.60
N VAL A 150 9.72 0.40 -21.95
CA VAL A 150 8.36 0.27 -21.45
C VAL A 150 8.15 -1.03 -20.68
N GLY A 151 9.20 -1.80 -20.45
CA GLY A 151 9.10 -3.06 -19.76
C GLY A 151 10.46 -3.67 -19.58
N GLN A 152 10.49 -4.84 -18.92
CA GLN A 152 11.75 -5.50 -18.63
C GLN A 152 11.50 -6.99 -18.40
N LEU A 153 12.42 -7.82 -18.89
CA LEU A 153 12.36 -9.26 -18.68
C LEU A 153 12.66 -9.57 -17.21
N THR A 154 11.65 -10.08 -16.48
CA THR A 154 11.79 -10.27 -15.04
C THR A 154 12.13 -11.70 -14.62
N LYS A 155 11.97 -12.68 -15.51
CA LYS A 155 12.43 -14.03 -15.20
C LYS A 155 12.61 -14.81 -16.49
N LEU A 156 13.62 -15.68 -16.48
CA LEU A 156 13.99 -16.49 -17.63
C LEU A 156 14.17 -17.93 -17.17
N ASP A 157 13.43 -18.85 -17.78
CA ASP A 157 13.45 -20.25 -17.40
C ASP A 157 13.95 -21.09 -18.58
N LEU A 158 15.10 -21.73 -18.39
CA LEU A 158 15.64 -22.68 -19.37
C LEU A 158 15.19 -24.07 -18.97
N ASN A 159 14.05 -24.50 -19.52
CA ASN A 159 13.52 -25.80 -19.18
C ASN A 159 14.36 -26.91 -19.82
N PRO A 160 14.52 -28.03 -19.13
CA PRO A 160 15.35 -29.13 -19.67
C PRO A 160 14.76 -29.69 -20.95
N GLY A 161 15.53 -29.59 -22.03
CA GLY A 161 15.08 -30.07 -23.32
C GLY A 161 15.35 -29.08 -24.44
N GLY A 162 15.25 -27.80 -24.12
CA GLY A 162 15.46 -26.75 -25.11
C GLY A 162 14.33 -25.74 -25.14
N LYS A 163 13.15 -26.15 -24.66
CA LYS A 163 12.00 -25.26 -24.61
C LYS A 163 12.22 -24.20 -23.54
N VAL A 164 12.34 -22.95 -23.96
CA VAL A 164 12.66 -21.83 -23.06
C VAL A 164 11.46 -20.91 -22.97
N THR A 165 11.08 -20.56 -21.75
CA THR A 165 10.02 -19.61 -21.49
C THR A 165 10.56 -18.48 -20.61
N GLY A 166 9.70 -17.48 -20.38
CA GLY A 166 10.08 -16.36 -19.54
C GLY A 166 8.98 -15.34 -19.41
N GLU A 167 8.95 -14.64 -18.28
CA GLU A 167 7.95 -13.60 -18.03
C GLU A 167 8.59 -12.22 -18.16
N MET A 168 7.72 -11.22 -18.32
CA MET A 168 8.18 -9.86 -18.59
C MET A 168 7.18 -8.88 -18.01
N THR A 169 7.66 -8.00 -17.12
CA THR A 169 6.84 -6.96 -16.52
C THR A 169 6.86 -5.72 -17.41
N VAL A 170 5.67 -5.25 -17.80
CA VAL A 170 5.55 -4.17 -18.76
C VAL A 170 4.80 -3.00 -18.12
N ASP A 171 4.98 -1.83 -18.72
CA ASP A 171 4.28 -0.63 -18.30
C ASP A 171 2.78 -0.85 -18.39
N PRO A 172 2.00 -0.51 -17.36
CA PRO A 172 0.55 -0.74 -17.42
C PRO A 172 -0.13 0.00 -18.57
N SER A 173 0.46 1.09 -19.07
CA SER A 173 -0.17 1.84 -20.16
C SER A 173 -0.07 1.11 -21.49
N VAL A 174 0.99 0.31 -21.69
CA VAL A 174 1.19 -0.36 -22.97
C VAL A 174 0.42 -1.66 -23.09
N VAL A 175 -0.37 -2.03 -22.07
CA VAL A 175 -1.16 -3.24 -22.14
C VAL A 175 -2.15 -3.19 -23.30
N THR A 176 -2.68 -2.00 -23.59
CA THR A 176 -3.53 -1.82 -24.76
C THR A 176 -2.78 -2.17 -26.04
N LEU A 177 -1.48 -1.89 -26.09
CA LEU A 177 -0.66 -2.15 -27.26
C LEU A 177 -0.35 -3.63 -27.47
N LEU A 178 -0.76 -4.50 -26.56
CA LEU A 178 -0.43 -5.93 -26.62
C LEU A 178 -1.70 -6.70 -27.00
N ARG A 179 -1.77 -7.13 -28.26
CA ARG A 179 -2.92 -7.87 -28.78
C ARG A 179 -2.43 -9.04 -29.61
N GLU A 180 -3.35 -9.67 -30.34
CA GLU A 180 -3.00 -10.87 -31.10
C GLU A 180 -2.02 -10.56 -32.23
N ASN A 181 -2.30 -9.51 -33.00
CA ASN A 181 -1.39 -9.11 -34.08
C ASN A 181 -0.13 -8.43 -33.55
N THR A 182 -0.10 -8.07 -32.27
CA THR A 182 1.11 -7.50 -31.69
C THR A 182 2.20 -8.56 -31.61
N ARG A 183 3.40 -8.20 -32.06
CA ARG A 183 4.54 -9.10 -32.04
C ARG A 183 5.63 -8.53 -31.16
N ILE A 184 6.35 -9.40 -30.47
CA ILE A 184 7.47 -9.01 -29.62
C ILE A 184 8.72 -9.59 -30.25
N GLU A 185 9.51 -8.72 -30.89
CA GLU A 185 10.67 -9.14 -31.64
C GLU A 185 11.92 -9.04 -30.78
N LEU A 186 12.81 -10.02 -30.94
CA LEU A 186 14.13 -9.98 -30.33
C LEU A 186 15.07 -9.24 -31.27
N ARG A 187 15.65 -8.15 -30.78
CA ARG A 187 16.53 -7.30 -31.58
C ARG A 187 17.97 -7.49 -31.14
N ASN A 188 18.87 -7.56 -32.12
CA ASN A 188 20.29 -7.60 -31.84
C ASN A 188 20.73 -6.28 -31.21
N PRO A 189 21.86 -6.27 -30.51
CA PRO A 189 22.33 -5.02 -29.88
C PRO A 189 22.55 -3.93 -30.91
N LYS A 190 22.03 -2.73 -30.60
CA LYS A 190 22.17 -1.60 -31.51
C LYS A 190 23.63 -1.21 -31.70
N LEU A 191 24.49 -1.55 -30.74
CA LEU A 191 25.88 -1.16 -30.74
C LEU A 191 26.74 -2.39 -30.48
N SER A 192 27.67 -2.68 -31.39
CA SER A 192 28.62 -3.78 -31.25
C SER A 192 30.02 -3.18 -31.37
N LEU A 193 30.59 -2.79 -30.25
CA LEU A 193 31.89 -2.11 -30.23
C LEU A 193 32.80 -2.77 -29.21
N SER A 194 34.01 -2.23 -29.07
CA SER A 194 34.99 -2.80 -28.16
C SER A 194 34.85 -2.26 -26.74
N ASP A 195 34.09 -1.19 -26.55
CA ASP A 195 33.91 -0.58 -25.24
C ASP A 195 32.79 -1.31 -24.50
N ALA A 196 33.12 -1.87 -23.33
CA ALA A 196 32.15 -2.58 -22.51
C ALA A 196 31.69 -1.77 -21.31
N ASN A 197 32.21 -0.56 -21.12
CA ASN A 197 31.69 0.35 -20.11
C ASN A 197 30.33 0.94 -20.49
N LEU A 198 29.83 0.64 -21.68
CA LEU A 198 28.60 1.23 -22.18
C LEU A 198 27.38 0.53 -21.59
N SER A 199 26.24 1.22 -21.68
CA SER A 199 24.99 0.67 -21.18
C SER A 199 24.59 -0.58 -21.95
N ALA A 200 24.00 -1.54 -21.23
CA ALA A 200 23.48 -2.76 -21.84
C ALA A 200 22.31 -2.48 -22.79
N LEU A 201 21.68 -1.30 -22.69
CA LEU A 201 20.68 -0.91 -23.67
C LEU A 201 21.28 -0.73 -25.05
N LEU A 202 22.59 -0.58 -25.14
CA LEU A 202 23.31 -0.49 -26.41
C LEU A 202 24.09 -1.75 -26.75
N THR A 203 24.70 -2.41 -25.76
CA THR A 203 25.57 -3.55 -26.00
C THR A 203 24.85 -4.89 -25.94
N GLY A 204 23.69 -4.96 -25.28
CA GLY A 204 22.95 -6.20 -25.13
C GLY A 204 21.72 -6.27 -26.04
N LYS A 205 21.18 -7.47 -26.13
CA LYS A 205 19.96 -7.67 -26.89
C LYS A 205 18.76 -7.08 -26.15
N THR A 206 17.77 -6.63 -26.92
CA THR A 206 16.55 -6.07 -26.38
C THR A 206 15.35 -6.70 -27.09
N PHE A 207 14.19 -6.54 -26.48
CA PHE A 207 12.93 -6.87 -27.15
C PHE A 207 12.32 -5.58 -27.69
N GLU A 208 11.61 -5.70 -28.81
CA GLU A 208 10.95 -4.57 -29.45
C GLU A 208 9.46 -4.86 -29.55
N LEU A 209 8.65 -3.95 -29.03
CA LEU A 209 7.20 -4.07 -29.09
C LEU A 209 6.71 -3.39 -30.37
N VAL A 210 6.15 -4.16 -31.29
CA VAL A 210 5.51 -3.60 -32.46
C VAL A 210 3.99 -3.77 -32.29
N PRO A 211 3.24 -2.70 -32.12
CA PRO A 211 1.81 -2.83 -31.82
C PRO A 211 1.03 -3.34 -33.00
N GLY A 212 -0.03 -4.09 -32.70
CA GLY A 212 -0.94 -4.58 -33.71
C GLY A 212 -2.35 -4.61 -33.17
N ASP A 213 -3.31 -4.66 -34.08
CA ASP A 213 -4.71 -4.68 -33.69
C ASP A 213 -5.12 -6.09 -33.26
N GLY A 214 -6.39 -6.28 -33.03
CA GLY A 214 -6.93 -7.59 -32.67
C GLY A 214 -7.42 -7.63 -31.24
N GLU A 215 -7.69 -8.84 -30.77
CA GLU A 215 -8.14 -9.04 -29.41
C GLU A 215 -6.95 -8.95 -28.46
N PRO A 216 -7.15 -8.39 -27.26
CA PRO A 216 -6.05 -8.26 -26.32
C PRO A 216 -5.62 -9.60 -25.76
N ARG A 217 -4.31 -9.80 -25.64
CA ARG A 217 -3.77 -11.00 -25.03
C ARG A 217 -2.49 -10.65 -24.27
N LYS A 218 -2.10 -11.57 -23.38
CA LYS A 218 -0.95 -11.37 -22.51
C LYS A 218 0.07 -12.51 -22.63
N GLU A 219 0.02 -13.26 -23.73
CA GLU A 219 0.95 -14.37 -23.95
C GLU A 219 1.45 -14.28 -25.38
N PHE A 220 2.78 -14.25 -25.55
CA PHE A 220 3.37 -14.00 -26.85
C PHE A 220 4.50 -14.97 -27.14
N VAL A 221 4.75 -15.15 -28.44
CA VAL A 221 5.88 -15.93 -28.94
C VAL A 221 6.83 -14.97 -29.63
N VAL A 222 8.12 -15.05 -29.30
CA VAL A 222 9.12 -14.10 -29.76
C VAL A 222 9.81 -14.68 -31.00
N VAL A 223 9.93 -13.86 -32.04
CA VAL A 223 10.63 -14.21 -33.27
C VAL A 223 11.65 -13.12 -33.55
N PRO A 224 12.88 -13.46 -33.94
CA PRO A 224 13.87 -12.43 -34.26
C PRO A 224 13.41 -11.56 -35.41
N GLY A 225 13.66 -10.25 -35.30
CA GLY A 225 13.26 -9.31 -36.31
C GLY A 225 14.41 -8.42 -36.73
N GLU A 226 14.26 -7.84 -37.92
CA GLU A 226 15.28 -6.96 -38.48
C GLU A 226 14.95 -5.49 -38.20
N GLY B 2 4.50 -21.03 32.30
CA GLY B 2 3.21 -21.37 31.75
C GLY B 2 2.36 -20.15 31.41
N ASP B 3 1.05 -20.32 31.42
CA ASP B 3 0.14 -19.22 31.15
C ASP B 3 0.22 -18.17 32.24
N LEU B 4 -0.11 -16.94 31.87
CA LEU B 4 -0.05 -15.79 32.77
C LEU B 4 -1.46 -15.37 33.16
N MET B 5 -1.74 -15.34 34.47
CA MET B 5 -3.02 -14.88 34.98
C MET B 5 -2.87 -13.45 35.47
N ILE B 6 -3.67 -12.54 34.90
CA ILE B 6 -3.72 -11.15 35.34
C ILE B 6 -5.17 -10.78 35.65
N HIS B 7 -5.34 -9.61 36.28
CA HIS B 7 -6.66 -9.15 36.71
C HIS B 7 -6.93 -7.76 36.19
N LEU B 8 -8.13 -7.55 35.66
CA LEU B 8 -8.56 -6.25 35.14
C LEU B 8 -9.71 -5.72 35.98
N GLN B 9 -9.60 -4.46 36.39
CA GLN B 9 -10.66 -3.77 37.11
C GLN B 9 -11.49 -2.98 36.10
N ALA B 10 -12.76 -3.32 35.99
CA ALA B 10 -13.65 -2.62 35.08
C ALA B 10 -14.82 -2.00 35.84
N PRO B 11 -15.37 -0.87 35.35
CA PRO B 11 -16.58 -0.32 35.97
C PRO B 11 -17.75 -1.28 35.87
N ASP B 12 -18.10 -1.69 34.65
N ASP B 12 -18.10 -1.69 34.65
CA ASP B 12 -19.12 -2.70 34.43
CA ASP B 12 -19.12 -2.70 34.42
C ASP B 12 -18.60 -3.72 33.42
C ASP B 12 -18.61 -3.71 33.41
N LEU B 13 -19.30 -4.85 33.36
CA LEU B 13 -18.84 -5.97 32.54
C LEU B 13 -18.99 -5.68 31.04
N GLY B 14 -20.09 -5.05 30.64
CA GLY B 14 -20.33 -4.85 29.23
C GLY B 14 -20.69 -6.14 28.51
N SER B 15 -20.19 -6.31 27.29
CA SER B 15 -20.45 -7.48 26.47
C SER B 15 -19.49 -8.64 26.77
N LEU B 16 -18.65 -8.53 27.79
CA LEU B 16 -17.64 -9.54 28.04
C LEU B 16 -18.22 -10.71 28.82
N ASN B 17 -17.60 -11.87 28.66
CA ASN B 17 -17.99 -13.06 29.40
C ASN B 17 -16.81 -14.03 29.37
N SER B 18 -16.99 -15.18 30.03
CA SER B 18 -16.01 -16.26 29.92
C SER B 18 -15.87 -16.67 28.47
N GLY B 19 -14.62 -16.78 28.02
CA GLY B 19 -14.35 -17.10 26.64
C GLY B 19 -14.15 -15.91 25.74
N SER B 20 -14.45 -14.69 26.21
CA SER B 20 -14.14 -13.51 25.42
C SER B 20 -12.63 -13.47 25.16
N LEU B 21 -12.27 -13.04 23.97
CA LEU B 21 -10.87 -13.13 23.57
C LEU B 21 -10.12 -11.86 23.90
N VAL B 22 -8.82 -12.02 24.14
CA VAL B 22 -7.89 -10.92 24.35
C VAL B 22 -6.95 -10.90 23.16
N TYR B 23 -6.83 -9.75 22.51
CA TYR B 23 -6.11 -9.62 21.26
C TYR B 23 -4.86 -8.77 21.43
N PHE B 24 -3.82 -9.12 20.67
CA PHE B 24 -2.71 -8.23 20.40
C PHE B 24 -2.51 -8.18 18.89
N ARG B 25 -2.67 -6.99 18.31
CA ARG B 25 -2.62 -6.79 16.86
C ARG B 25 -3.50 -7.80 16.14
N LYS B 26 -4.77 -7.88 16.57
CA LYS B 26 -5.80 -8.69 15.93
C LYS B 26 -5.59 -10.18 16.18
N ILE B 27 -4.43 -10.55 16.73
CA ILE B 27 -4.11 -11.95 17.01
C ILE B 27 -4.57 -12.28 18.41
N PRO B 28 -5.53 -13.21 18.59
CA PRO B 28 -6.00 -13.57 19.93
C PRO B 28 -4.90 -14.28 20.72
N VAL B 29 -4.57 -13.75 21.89
CA VAL B 29 -3.47 -14.27 22.69
C VAL B 29 -3.91 -14.75 24.06
N GLY B 30 -5.16 -14.54 24.43
CA GLY B 30 -5.60 -14.94 25.75
C GLY B 30 -7.11 -14.92 25.82
N LYS B 31 -7.62 -15.09 27.03
CA LYS B 31 -9.03 -15.31 27.23
C LYS B 31 -9.44 -14.71 28.56
N VAL B 32 -10.69 -14.23 28.63
CA VAL B 32 -11.31 -13.98 29.91
C VAL B 32 -11.55 -15.34 30.57
N TYR B 33 -10.87 -15.59 31.69
CA TYR B 33 -11.01 -16.88 32.38
C TYR B 33 -12.24 -16.91 33.26
N ASP B 34 -12.51 -15.80 33.95
CA ASP B 34 -13.62 -15.70 34.90
C ASP B 34 -13.74 -14.23 35.29
N TYR B 35 -14.75 -13.92 36.11
CA TYR B 35 -14.91 -12.57 36.62
C TYR B 35 -15.80 -12.62 37.86
N ALA B 36 -15.67 -11.58 38.68
CA ALA B 36 -16.43 -11.48 39.92
C ALA B 36 -16.81 -10.02 40.16
N ILE B 37 -17.76 -9.82 41.07
CA ILE B 37 -18.15 -8.49 41.52
C ILE B 37 -17.49 -8.24 42.87
N ASN B 38 -16.78 -7.12 43.00
CA ASN B 38 -16.23 -6.74 44.31
C ASN B 38 -17.21 -5.82 45.01
N PRO B 39 -17.66 -6.16 46.22
CA PRO B 39 -18.73 -5.36 46.86
C PRO B 39 -18.26 -3.99 47.34
N ASN B 40 -16.96 -3.74 47.44
CA ASN B 40 -16.50 -2.49 48.03
C ASN B 40 -16.61 -1.31 47.05
N LYS B 41 -16.31 -1.53 45.78
CA LYS B 41 -16.28 -0.47 44.78
C LYS B 41 -17.12 -0.86 43.59
N GLN B 42 -17.50 0.13 42.78
CA GLN B 42 -18.12 -0.15 41.49
C GLN B 42 -17.15 -0.93 40.63
N GLY B 43 -17.03 -2.23 40.89
CA GLY B 43 -15.98 -2.99 40.24
C GLY B 43 -16.33 -4.41 39.91
N VAL B 44 -16.06 -4.79 38.67
CA VAL B 44 -16.02 -6.17 38.24
C VAL B 44 -14.55 -6.50 38.00
N VAL B 45 -14.04 -7.49 38.74
CA VAL B 45 -12.67 -7.95 38.56
C VAL B 45 -12.70 -9.09 37.53
N ILE B 46 -12.03 -8.87 36.41
CA ILE B 46 -12.00 -9.84 35.31
C ILE B 46 -10.64 -10.53 35.35
N ASP B 47 -10.66 -11.86 35.43
CA ASP B 47 -9.44 -12.67 35.40
C ASP B 47 -9.10 -13.02 33.96
N VAL B 48 -7.93 -12.59 33.50
CA VAL B 48 -7.49 -12.81 32.13
C VAL B 48 -6.30 -13.76 32.13
N LEU B 49 -6.41 -14.83 31.35
CA LEU B 49 -5.34 -15.82 31.18
C LEU B 49 -4.71 -15.61 29.81
N ILE B 50 -3.40 -15.33 29.80
CA ILE B 50 -2.63 -15.13 28.58
C ILE B 50 -1.85 -16.41 28.31
N GLU B 51 -1.90 -16.91 27.08
CA GLU B 51 -1.22 -18.16 26.73
C GLU B 51 0.29 -18.00 26.87
N ARG B 52 0.94 -19.11 27.25
CA ARG B 52 2.35 -19.09 27.61
C ARG B 52 3.21 -18.40 26.57
N ARG B 53 3.02 -18.74 25.30
CA ARG B 53 3.86 -18.19 24.24
C ARG B 53 3.62 -16.70 23.99
N PHE B 54 2.65 -16.07 24.66
CA PHE B 54 2.38 -14.65 24.45
C PHE B 54 2.56 -13.80 25.69
N THR B 55 2.97 -14.39 26.83
CA THR B 55 2.94 -13.64 28.09
C THR B 55 3.92 -12.47 28.08
N ASP B 56 5.06 -12.60 27.38
CA ASP B 56 6.01 -11.50 27.32
C ASP B 56 5.45 -10.25 26.65
N LEU B 57 4.31 -10.35 25.97
CA LEU B 57 3.70 -9.15 25.40
C LEU B 57 3.11 -8.25 26.49
N VAL B 58 2.75 -8.82 27.63
CA VAL B 58 2.06 -8.10 28.69
C VAL B 58 3.12 -7.45 29.58
N LYS B 59 3.20 -6.12 29.55
CA LYS B 59 4.19 -5.37 30.29
C LYS B 59 3.57 -4.71 31.52
N LYS B 60 4.44 -4.29 32.44
CA LYS B 60 3.99 -3.48 33.57
C LYS B 60 3.31 -2.21 33.09
N GLY B 61 3.74 -1.66 31.98
CA GLY B 61 3.17 -0.44 31.43
C GLY B 61 2.06 -0.65 30.43
N SER B 62 1.65 -1.90 30.18
CA SER B 62 0.57 -2.17 29.25
C SER B 62 -0.74 -1.61 29.76
N ARG B 63 -1.61 -1.22 28.83
CA ARG B 63 -2.99 -0.88 29.13
C ARG B 63 -3.93 -1.76 28.30
N PHE B 64 -5.11 -2.01 28.84
CA PHE B 64 -6.13 -2.84 28.23
C PHE B 64 -7.38 -2.00 27.99
N TRP B 65 -8.06 -2.25 26.86
CA TRP B 65 -9.28 -1.51 26.54
C TRP B 65 -10.24 -2.41 25.79
N ASN B 66 -11.53 -2.07 25.88
CA ASN B 66 -12.57 -2.79 25.14
C ASN B 66 -12.43 -2.54 23.64
N VAL B 67 -12.71 -3.58 22.86
CA VAL B 67 -12.82 -3.50 21.41
C VAL B 67 -13.98 -4.40 20.99
N SER B 68 -14.51 -4.15 19.80
CA SER B 68 -15.59 -4.95 19.24
C SER B 68 -15.11 -5.74 18.03
N GLY B 69 -15.82 -6.82 17.76
CA GLY B 69 -15.51 -7.65 16.61
C GLY B 69 -16.79 -8.18 15.97
N VAL B 70 -16.71 -8.39 14.66
CA VAL B 70 -17.81 -8.98 13.90
C VAL B 70 -17.33 -10.29 13.29
N ASP B 71 -18.26 -11.24 13.20
CA ASP B 71 -17.93 -12.55 12.64
C ASP B 71 -19.23 -13.30 12.37
N ALA B 72 -19.19 -14.19 11.38
CA ALA B 72 -20.32 -15.06 11.03
C ALA B 72 -20.14 -16.46 11.58
N ASN B 73 -19.57 -16.58 12.78
CA ASN B 73 -19.33 -17.88 13.41
C ASN B 73 -20.64 -18.59 13.73
N GLU B 84 -31.50 -11.35 17.71
CA GLU B 84 -31.01 -12.72 17.87
C GLU B 84 -29.69 -12.91 17.13
N SER B 85 -29.76 -13.55 15.96
CA SER B 85 -28.55 -13.75 15.15
C SER B 85 -27.98 -12.43 14.65
N LEU B 86 -28.83 -11.41 14.51
CA LEU B 86 -28.35 -10.11 14.06
C LEU B 86 -27.49 -9.44 15.13
N ALA B 87 -27.99 -9.37 16.36
CA ALA B 87 -27.25 -8.72 17.43
C ALA B 87 -26.01 -9.51 17.83
N ALA B 88 -26.05 -10.84 17.67
CA ALA B 88 -24.93 -11.69 18.04
C ALA B 88 -23.74 -11.58 17.09
N LEU B 89 -23.88 -10.94 15.94
CA LEU B 89 -22.76 -10.86 15.01
C LEU B 89 -21.63 -10.00 15.58
N VAL B 90 -21.94 -9.13 16.52
CA VAL B 90 -20.96 -8.26 17.17
C VAL B 90 -20.86 -8.67 18.63
N ASN B 91 -19.64 -8.78 19.14
CA ASN B 91 -19.43 -9.16 20.54
C ASN B 91 -18.16 -8.49 21.06
N GLY B 92 -18.11 -8.30 22.37
CA GLY B 92 -17.01 -7.61 22.99
C GLY B 92 -15.74 -8.45 23.03
N ALA B 93 -14.63 -7.74 23.19
CA ALA B 93 -13.31 -8.35 23.30
C ALA B 93 -12.39 -7.33 23.95
N ILE B 94 -11.17 -7.76 24.24
CA ILE B 94 -10.18 -6.91 24.90
C ILE B 94 -8.94 -6.85 24.02
N ALA B 95 -8.32 -5.69 23.94
CA ALA B 95 -7.03 -5.52 23.29
C ALA B 95 -6.09 -4.82 24.25
N PHE B 96 -4.79 -4.89 23.97
CA PHE B 96 -3.81 -4.24 24.82
C PHE B 96 -2.59 -3.89 23.99
N ASP B 97 -1.71 -3.09 24.59
CA ASP B 97 -0.47 -2.68 23.95
C ASP B 97 0.73 -3.23 24.72
N SER B 98 1.89 -3.14 24.08
CA SER B 98 3.11 -3.76 24.59
C SER B 98 4.26 -2.76 24.48
N PRO B 99 4.39 -1.85 25.45
CA PRO B 99 5.54 -0.92 25.44
C PRO B 99 6.85 -1.67 25.43
N GLU B 100 7.68 -1.37 24.42
N GLU B 100 7.69 -1.36 24.43
CA GLU B 100 8.91 -2.10 24.21
CA GLU B 100 8.91 -2.14 24.23
C GLU B 100 9.86 -1.98 25.41
C GLU B 100 9.87 -1.99 25.41
N GLU B 101 9.97 -0.78 25.97
CA GLU B 101 10.92 -0.50 27.04
C GLU B 101 10.33 -0.69 28.43
N SER B 102 9.28 -1.49 28.57
CA SER B 102 8.64 -1.75 29.84
C SER B 102 9.00 -3.16 30.32
N LYS B 103 9.03 -3.34 31.64
CA LYS B 103 9.32 -4.65 32.20
C LYS B 103 8.10 -5.56 32.04
N PRO B 104 8.31 -6.88 31.97
CA PRO B 104 7.17 -7.79 31.80
C PRO B 104 6.25 -7.77 33.01
N ALA B 105 4.97 -8.03 32.76
CA ALA B 105 4.04 -8.18 33.86
C ALA B 105 4.28 -9.51 34.57
N GLU B 106 3.92 -9.54 35.85
CA GLU B 106 4.05 -10.73 36.68
C GLU B 106 2.67 -11.31 36.98
N ALA B 107 2.65 -12.56 37.43
CA ALA B 107 1.40 -13.20 37.80
C ALA B 107 0.66 -12.37 38.84
N GLU B 108 -0.65 -12.27 38.67
CA GLU B 108 -1.58 -11.59 39.57
C GLU B 108 -1.47 -10.07 39.50
N ASP B 109 -0.70 -9.52 38.57
CA ASP B 109 -0.71 -8.07 38.39
C ASP B 109 -2.12 -7.61 38.00
N THR B 110 -2.47 -6.40 38.43
CA THR B 110 -3.80 -5.85 38.25
C THR B 110 -3.74 -4.59 37.40
N PHE B 111 -4.57 -4.55 36.37
CA PHE B 111 -4.68 -3.43 35.45
C PHE B 111 -6.11 -2.90 35.44
N GLY B 112 -6.27 -1.66 34.98
CA GLY B 112 -7.59 -1.11 34.73
C GLY B 112 -8.00 -1.38 33.30
N LEU B 113 -9.27 -1.71 33.10
CA LEU B 113 -9.81 -1.93 31.77
C LEU B 113 -10.39 -0.60 31.28
N TYR B 114 -9.77 -0.03 30.25
CA TYR B 114 -10.24 1.25 29.75
C TYR B 114 -11.45 1.07 28.85
N GLU B 115 -12.26 2.14 28.78
CA GLU B 115 -13.53 2.09 28.07
C GLU B 115 -13.35 1.73 26.61
N ASP B 116 -12.34 2.31 25.95
CA ASP B 116 -12.01 2.01 24.57
C ASP B 116 -10.62 2.56 24.28
N LEU B 117 -10.18 2.42 23.02
CA LEU B 117 -8.85 2.87 22.64
C LEU B 117 -8.64 4.33 22.99
N ALA B 118 -9.61 5.19 22.62
CA ALA B 118 -9.52 6.61 22.93
C ALA B 118 -9.26 6.83 24.42
N HIS B 119 -10.05 6.17 25.27
CA HIS B 119 -9.91 6.37 26.72
C HIS B 119 -8.54 5.92 27.23
N SER B 120 -7.91 4.96 26.55
CA SER B 120 -6.61 4.46 27.02
C SER B 120 -5.50 5.47 26.77
N GLN B 121 -5.71 6.43 25.85
CA GLN B 121 -4.71 7.43 25.48
C GLN B 121 -3.47 6.83 24.84
N ARG B 122 -3.56 5.59 24.35
CA ARG B 122 -2.43 4.94 23.71
C ARG B 122 -2.55 4.89 22.19
N GLY B 123 -3.69 5.31 21.63
CA GLY B 123 -3.85 5.31 20.19
C GLY B 123 -2.93 6.30 19.51
N VAL B 124 -2.73 6.09 18.20
CA VAL B 124 -1.82 6.87 17.38
C VAL B 124 -2.61 7.55 16.27
N ILE B 125 -2.38 8.85 16.08
CA ILE B 125 -3.16 9.64 15.13
C ILE B 125 -2.65 9.37 13.72
N ILE B 126 -3.58 9.06 12.82
CA ILE B 126 -3.31 8.90 11.40
C ILE B 126 -4.22 9.84 10.63
N LYS B 127 -3.64 10.61 9.70
CA LYS B 127 -4.41 11.56 8.92
C LYS B 127 -4.98 10.89 7.68
N LEU B 128 -6.15 11.39 7.25
CA LEU B 128 -6.90 10.77 6.16
C LEU B 128 -7.43 11.84 5.21
N GLU B 129 -7.31 11.58 3.92
CA GLU B 129 -8.10 12.27 2.91
C GLU B 129 -9.27 11.37 2.54
N LEU B 130 -10.46 11.95 2.55
CA LEU B 130 -11.65 11.14 2.35
C LEU B 130 -12.39 11.57 1.08
N PRO B 131 -12.93 10.61 0.33
CA PRO B 131 -13.71 11.00 -0.87
C PRO B 131 -14.98 11.74 -0.52
N SER B 132 -15.56 11.47 0.64
CA SER B 132 -16.80 12.12 1.07
C SER B 132 -16.99 11.86 2.56
N GLY B 133 -17.77 12.73 3.18
CA GLY B 133 -18.14 12.55 4.57
C GLY B 133 -19.43 11.79 4.80
N ALA B 134 -20.18 11.49 3.74
CA ALA B 134 -21.48 10.85 3.89
C ALA B 134 -21.34 9.48 4.54
N GLY B 135 -22.19 9.22 5.53
CA GLY B 135 -22.16 7.97 6.26
C GLY B 135 -21.05 7.84 7.28
N LEU B 136 -20.16 8.83 7.38
CA LEU B 136 -19.06 8.80 8.35
C LEU B 136 -19.41 9.66 9.54
N THR B 137 -18.93 9.24 10.72
CA THR B 137 -19.25 9.91 11.97
C THR B 137 -18.04 9.86 12.88
N ALA B 138 -17.56 11.03 13.31
CA ALA B 138 -16.44 11.08 14.23
C ALA B 138 -16.82 10.43 15.56
N ASP B 139 -15.84 9.73 16.16
CA ASP B 139 -16.03 8.99 17.40
C ASP B 139 -17.04 7.87 17.25
N SER B 140 -17.22 7.36 16.03
CA SER B 140 -18.15 6.27 15.79
C SER B 140 -17.62 5.32 14.72
N THR B 141 -17.34 5.84 13.53
CA THR B 141 -16.91 5.00 12.41
C THR B 141 -15.61 4.29 12.76
N PRO B 142 -15.55 2.97 12.68
CA PRO B 142 -14.35 2.26 13.10
C PRO B 142 -13.40 1.95 11.96
N LEU B 143 -12.14 1.68 12.30
CA LEU B 143 -11.21 1.02 11.40
C LEU B 143 -11.21 -0.47 11.75
N MET B 144 -11.59 -1.29 10.78
CA MET B 144 -11.72 -2.73 10.95
C MET B 144 -10.55 -3.45 10.30
N TYR B 145 -10.18 -4.58 10.87
CA TYR B 145 -9.11 -5.41 10.30
C TYR B 145 -9.50 -6.88 10.50
N GLN B 146 -9.96 -7.51 9.42
CA GLN B 146 -10.37 -8.91 9.43
C GLN B 146 -11.38 -9.18 10.54
N GLY B 147 -12.31 -8.25 10.73
CA GLY B 147 -13.41 -8.46 11.65
C GLY B 147 -13.25 -7.85 13.02
N LEU B 148 -12.09 -7.26 13.34
CA LEU B 148 -11.86 -6.66 14.65
C LEU B 148 -11.61 -5.17 14.52
N GLU B 149 -12.19 -4.41 15.45
CA GLU B 149 -11.92 -2.98 15.55
C GLU B 149 -10.48 -2.75 15.98
N VAL B 150 -9.71 -2.04 15.16
CA VAL B 150 -8.33 -1.68 15.50
C VAL B 150 -8.11 -0.18 15.48
N GLY B 151 -9.18 0.61 15.42
CA GLY B 151 -9.05 2.05 15.44
C GLY B 151 -10.40 2.70 15.24
N GLN B 152 -10.41 4.03 15.24
CA GLN B 152 -11.65 4.76 15.17
C GLN B 152 -11.43 6.12 14.53
N LEU B 153 -12.39 6.56 13.71
CA LEU B 153 -12.40 7.93 13.22
C LEU B 153 -12.67 8.87 14.37
N THR B 154 -11.73 9.78 14.64
CA THR B 154 -11.85 10.71 15.75
C THR B 154 -11.93 12.17 15.32
N LYS B 155 -11.76 12.45 14.03
CA LYS B 155 -11.89 13.81 13.52
C LYS B 155 -12.41 13.74 12.09
N LEU B 156 -13.29 14.67 11.75
CA LEU B 156 -13.91 14.70 10.43
C LEU B 156 -14.20 16.16 10.10
N ASP B 157 -13.53 16.69 9.08
CA ASP B 157 -13.68 18.10 8.72
C ASP B 157 -14.05 18.24 7.26
N LEU B 158 -15.09 19.02 6.99
CA LEU B 158 -15.45 19.39 5.62
C LEU B 158 -14.77 20.74 5.34
N ASN B 159 -13.74 20.70 4.54
CA ASN B 159 -12.89 21.87 4.33
C ASN B 159 -13.39 22.70 3.16
N PRO B 160 -13.00 23.97 3.10
CA PRO B 160 -13.34 24.79 1.93
C PRO B 160 -12.90 24.13 0.63
N GLY B 161 -13.70 24.32 -0.41
CA GLY B 161 -13.47 23.65 -1.68
C GLY B 161 -14.03 22.24 -1.77
N GLY B 162 -14.76 21.79 -0.76
CA GLY B 162 -15.36 20.47 -0.79
C GLY B 162 -14.47 19.33 -0.35
N LYS B 163 -13.21 19.60 -0.03
CA LYS B 163 -12.30 18.54 0.39
C LYS B 163 -12.67 18.08 1.79
N VAL B 164 -12.73 16.77 1.98
CA VAL B 164 -13.06 16.16 3.26
C VAL B 164 -11.79 15.49 3.79
N THR B 165 -11.34 15.92 4.97
CA THR B 165 -10.24 15.26 5.65
C THR B 165 -10.72 14.73 6.99
N GLY B 166 -9.87 13.94 7.62
CA GLY B 166 -10.19 13.36 8.91
C GLY B 166 -8.95 12.82 9.59
N GLU B 167 -9.15 12.42 10.84
CA GLU B 167 -8.09 11.79 11.62
C GLU B 167 -8.59 10.48 12.19
N MET B 168 -7.70 9.50 12.23
CA MET B 168 -7.99 8.18 12.75
C MET B 168 -7.04 7.88 13.90
N THR B 169 -7.58 7.41 15.02
CA THR B 169 -6.79 6.96 16.15
C THR B 169 -6.74 5.44 16.09
N VAL B 170 -5.53 4.87 15.95
CA VAL B 170 -5.37 3.45 15.69
C VAL B 170 -4.58 2.79 16.80
N ASP B 171 -4.87 1.51 17.01
CA ASP B 171 -4.12 0.65 17.92
C ASP B 171 -2.62 0.81 17.69
N PRO B 172 -1.83 1.02 18.74
CA PRO B 172 -0.37 1.18 18.56
C PRO B 172 0.29 0.00 17.86
N SER B 173 -0.25 -1.21 18.00
CA SER B 173 0.40 -2.36 17.38
C SER B 173 0.11 -2.47 15.89
N VAL B 174 -0.86 -1.71 15.36
CA VAL B 174 -1.09 -1.75 13.92
C VAL B 174 -0.35 -0.64 13.18
N VAL B 175 0.38 0.21 13.90
CA VAL B 175 1.16 1.25 13.25
C VAL B 175 2.13 0.62 12.25
N THR B 176 2.73 -0.51 12.61
CA THR B 176 3.63 -1.22 11.71
C THR B 176 2.90 -1.81 10.49
N LEU B 177 1.57 -1.88 10.52
CA LEU B 177 0.80 -2.29 9.36
C LEU B 177 0.45 -1.12 8.43
N LEU B 178 0.89 0.09 8.76
CA LEU B 178 0.53 1.29 8.02
C LEU B 178 1.76 1.76 7.25
N ARG B 179 1.91 1.26 6.04
CA ARG B 179 3.09 1.49 5.23
C ARG B 179 2.69 2.05 3.86
N GLU B 180 3.70 2.33 3.04
CA GLU B 180 3.48 3.03 1.78
C GLU B 180 2.55 2.26 0.85
N ASN B 181 2.55 0.93 0.92
CA ASN B 181 1.66 0.12 0.09
C ASN B 181 0.42 -0.35 0.85
N THR B 182 0.23 0.10 2.09
CA THR B 182 -1.01 -0.17 2.79
C THR B 182 -2.12 0.70 2.21
N ARG B 183 -3.29 0.10 2.01
CA ARG B 183 -4.47 0.84 1.64
C ARG B 183 -5.45 0.86 2.81
N ILE B 184 -6.16 1.98 2.93
CA ILE B 184 -7.28 2.10 3.85
C ILE B 184 -8.50 2.38 2.98
N GLU B 185 -9.43 1.45 2.95
CA GLU B 185 -10.54 1.59 2.01
C GLU B 185 -11.85 1.71 2.78
N LEU B 186 -12.73 2.55 2.22
CA LEU B 186 -14.05 2.76 2.78
C LEU B 186 -14.97 1.63 2.36
N ARG B 187 -15.60 0.98 3.33
CA ARG B 187 -16.48 -0.15 3.07
C ARG B 187 -17.93 0.25 3.29
N ASN B 188 -18.80 -0.26 2.42
CA ASN B 188 -20.23 -0.12 2.60
C ASN B 188 -20.69 -0.96 3.79
N PRO B 189 -21.87 -0.66 4.35
CA PRO B 189 -22.34 -1.41 5.52
C PRO B 189 -22.35 -2.91 5.27
N LYS B 190 -22.04 -3.67 6.33
CA LYS B 190 -22.15 -5.12 6.25
C LYS B 190 -23.60 -5.58 6.23
N LEU B 191 -24.50 -4.83 6.86
CA LEU B 191 -25.92 -5.13 6.88
C LEU B 191 -26.68 -3.88 6.44
N SER B 192 -27.11 -3.86 5.19
CA SER B 192 -27.86 -2.72 4.65
C SER B 192 -29.32 -2.73 5.06
N LEU B 193 -29.69 -3.49 6.09
CA LEU B 193 -31.04 -3.47 6.61
C LEU B 193 -31.24 -2.25 7.50
N SER B 194 -32.29 -1.48 7.21
CA SER B 194 -32.58 -0.26 7.95
C SER B 194 -33.27 -0.61 9.27
N ASP B 195 -32.47 -1.16 10.19
CA ASP B 195 -32.88 -1.43 11.57
C ASP B 195 -32.07 -0.51 12.47
N ALA B 196 -32.78 0.35 13.21
CA ALA B 196 -32.11 1.36 14.04
C ALA B 196 -31.45 0.76 15.27
N ASN B 197 -31.97 -0.36 15.79
CA ASN B 197 -31.43 -0.94 17.01
C ASN B 197 -30.24 -1.85 16.76
N LEU B 198 -29.65 -1.81 15.58
CA LEU B 198 -28.46 -2.58 15.27
C LEU B 198 -27.22 -1.70 15.43
N SER B 199 -26.10 -2.34 15.74
CA SER B 199 -24.85 -1.62 15.97
C SER B 199 -24.42 -0.91 14.69
N ALA B 200 -23.79 0.25 14.87
CA ALA B 200 -23.22 0.98 13.73
C ALA B 200 -22.13 0.17 13.03
N LEU B 201 -21.53 -0.80 13.71
CA LEU B 201 -20.56 -1.68 13.05
C LEU B 201 -21.19 -2.50 11.95
N LEU B 202 -22.50 -2.74 12.02
CA LEU B 202 -23.22 -3.50 11.00
C LEU B 202 -23.93 -2.62 9.98
N THR B 203 -24.64 -1.59 10.43
CA THR B 203 -25.44 -0.76 9.54
C THR B 203 -24.69 0.44 8.97
N GLY B 204 -23.54 0.80 9.55
CA GLY B 204 -22.80 1.96 9.10
C GLY B 204 -21.60 1.60 8.25
N LYS B 205 -21.10 2.59 7.51
CA LYS B 205 -19.85 2.40 6.78
C LYS B 205 -18.71 2.16 7.76
N THR B 206 -17.65 1.53 7.27
CA THR B 206 -16.47 1.27 8.06
C THR B 206 -15.24 1.48 7.17
N PHE B 207 -14.09 1.63 7.80
CA PHE B 207 -12.83 1.56 7.09
C PHE B 207 -12.23 0.17 7.28
N GLU B 208 -11.50 -0.29 6.28
CA GLU B 208 -10.83 -1.58 6.33
C GLU B 208 -9.35 -1.40 6.09
N LEU B 209 -8.54 -1.82 7.07
CA LEU B 209 -7.09 -1.84 6.92
C LEU B 209 -6.69 -3.05 6.08
N VAL B 210 -5.97 -2.80 4.98
CA VAL B 210 -5.40 -3.87 4.17
C VAL B 210 -3.90 -3.64 4.09
N PRO B 211 -3.12 -4.30 4.93
CA PRO B 211 -1.71 -3.93 5.11
C PRO B 211 -0.87 -4.23 3.88
N GLY B 212 0.13 -3.37 3.67
CA GLY B 212 1.12 -3.58 2.62
C GLY B 212 2.52 -3.33 3.16
N ASP B 213 3.48 -3.42 2.25
CA ASP B 213 4.88 -3.27 2.61
C ASP B 213 5.35 -1.85 2.30
N GLY B 214 6.62 -1.60 2.56
CA GLY B 214 7.23 -0.31 2.28
C GLY B 214 7.57 0.45 3.55
N GLU B 215 7.84 1.73 3.36
CA GLU B 215 8.17 2.59 4.48
C GLU B 215 6.92 2.95 5.29
N PRO B 216 7.06 3.10 6.60
CA PRO B 216 5.90 3.48 7.41
C PRO B 216 5.32 4.81 6.95
N ARG B 217 4.01 4.95 7.12
CA ARG B 217 3.28 6.10 6.62
C ARG B 217 2.17 6.44 7.60
N LYS B 218 1.94 7.74 7.80
CA LYS B 218 0.97 8.23 8.77
C LYS B 218 -0.16 9.01 8.12
N GLU B 219 -0.25 9.03 6.80
CA GLU B 219 -1.26 9.80 6.08
C GLU B 219 -1.72 8.99 4.88
N PHE B 220 -3.03 8.77 4.77
CA PHE B 220 -3.56 7.93 3.72
C PHE B 220 -4.73 8.62 3.02
N VAL B 221 -4.85 8.34 1.73
CA VAL B 221 -6.01 8.72 0.95
C VAL B 221 -6.92 7.50 0.87
N VAL B 222 -8.11 7.62 1.46
CA VAL B 222 -9.04 6.51 1.50
C VAL B 222 -9.68 6.32 0.12
N VAL B 223 -9.74 5.08 -0.34
CA VAL B 223 -10.33 4.76 -1.64
C VAL B 223 -11.52 3.86 -1.38
N PRO B 224 -12.49 3.85 -2.29
CA PRO B 224 -13.60 2.89 -2.17
C PRO B 224 -13.09 1.45 -2.20
N GLY B 225 -13.69 0.61 -1.39
CA GLY B 225 -13.21 -0.76 -1.24
C GLY B 225 -14.14 -1.81 -1.82
N GLU B 226 -13.70 -2.47 -2.89
CA GLU B 226 -14.48 -3.54 -3.51
C GLU B 226 -13.58 -4.69 -3.93
#